data_1KTT
#
_entry.id   1KTT
#
_cell.length_a   69.900
_cell.length_b   70.900
_cell.length_c   72.500
_cell.angle_alpha   90.00
_cell.angle_beta   100.00
_cell.angle_gamma   90.00
#
_symmetry.space_group_name_H-M   'C 1 2 1'
#
loop_
_entity.id
_entity.type
_entity.pdbx_description
1 polymer thrombin
2 polymer thrombin
3 polymer 'hirudin IIB'
4 non-polymer 4-(5-BENZENESULFONYLAMINO-1-METHYL-1H-BENZOIMIDAZOL-2-YLMETHYL)-BENZAMIDINE
5 water water
#
loop_
_entity_poly.entity_id
_entity_poly.type
_entity_poly.pdbx_seq_one_letter_code
_entity_poly.pdbx_strand_id
1 'polypeptide(L)' TFGSGEADCGLRPLFEKKSLEDKTERELLESYIDGR A
2 'polypeptide(L)'
;IVEGSDAEIGMSPWQVMLFRKSPQELLCGASLISDRWVLTAAHCLLYPPWDKNFTENDLLVRIGKHSRTRYERNIEKISM
LEKIYIHPRYNWRENLDRDIALMKLKKPVAFSDYIHPVCLPDRETAASLLQAGYKGRVTGWGNLKETWTANVGKGQPSVL
QVVNLPIVERPVCKDSTRIRITDNMFCAGYKPDEGKRGDACEGDSGGPFVMKSPFNNRWYQMGIVSWGEGCDRDGKYGFY
THVFRLKKWIQKVIDQFGE
;
B
3 'polypeptide(L)' DFEEIPEE(TYS)LQ C
#
loop_
_chem_comp.id
_chem_comp.type
_chem_comp.name
_chem_comp.formula
C02 non-polymer 4-(5-BENZENESULFONYLAMINO-1-METHYL-1H-BENZOIMIDAZOL-2-YLMETHYL)-BENZAMIDINE 'C22 H21 N5 O2 S'
#
# COMPACT_ATOMS: atom_id res chain seq x y z
N GLU A 6 10.17 8.56 11.26
CA GLU A 6 11.54 8.15 10.81
C GLU A 6 12.24 9.35 10.18
N ALA A 7 13.48 9.59 10.58
CA ALA A 7 14.23 10.74 10.07
C ALA A 7 14.61 10.59 8.59
N ASP A 8 14.83 9.34 8.18
CA ASP A 8 15.23 9.03 6.82
C ASP A 8 14.06 8.66 5.89
N CYS A 9 12.86 8.58 6.45
CA CYS A 9 11.69 8.17 5.69
C CYS A 9 11.45 8.92 4.38
N GLY A 10 10.88 8.21 3.42
CA GLY A 10 10.56 8.81 2.14
C GLY A 10 11.68 9.16 1.20
N LEU A 11 12.93 8.88 1.57
CA LEU A 11 14.05 9.17 0.68
C LEU A 11 14.64 7.85 0.20
N ARG A 12 14.40 7.55 -1.07
CA ARG A 12 14.85 6.29 -1.66
C ARG A 12 16.35 6.20 -1.95
N PRO A 13 16.99 5.13 -1.46
CA PRO A 13 18.42 4.92 -1.67
C PRO A 13 18.83 5.05 -3.15
N LEU A 14 18.07 4.45 -4.05
CA LEU A 14 18.43 4.51 -5.48
C LEU A 14 17.87 5.68 -6.26
N PHE A 15 17.23 6.62 -5.59
CA PHE A 15 16.68 7.77 -6.29
C PHE A 15 16.99 9.09 -5.59
N GLU A 16 16.17 9.48 -4.62
CA GLU A 16 16.41 10.73 -3.90
C GLU A 16 17.80 10.79 -3.28
N LYS A 17 18.25 9.69 -2.66
CA LYS A 17 19.55 9.65 -2.02
C LYS A 17 20.77 9.87 -2.94
N LYS A 18 20.60 9.65 -4.24
CA LYS A 18 21.69 9.86 -5.18
C LYS A 18 21.23 10.83 -6.28
N SER A 19 20.16 11.55 -5.94
CA SER A 19 19.54 12.53 -6.83
C SER A 19 19.22 12.07 -8.24
N LEU A 20 18.64 10.89 -8.34
CA LEU A 20 18.21 10.35 -9.62
C LEU A 20 16.69 10.32 -9.50
N GLU A 21 15.97 10.65 -10.56
CA GLU A 21 14.51 10.59 -10.47
C GLU A 21 14.02 9.41 -11.28
N ASP A 22 12.90 8.81 -10.87
CA ASP A 22 12.36 7.67 -11.61
C ASP A 22 11.58 8.18 -12.83
N LYS A 23 11.25 7.27 -13.73
CA LYS A 23 10.56 7.61 -14.97
C LYS A 23 9.21 8.32 -14.95
N THR A 24 8.45 8.25 -13.85
CA THR A 24 7.16 8.91 -13.86
C THR A 24 6.82 9.86 -12.71
N GLU A 25 7.77 10.09 -11.79
CA GLU A 25 7.48 10.98 -10.67
C GLU A 25 7.16 12.42 -11.08
N ARG A 26 7.66 12.83 -12.24
CA ARG A 26 7.38 14.18 -12.70
C ARG A 26 5.88 14.32 -13.00
N GLU A 27 5.24 13.22 -13.37
CA GLU A 27 3.80 13.23 -13.65
C GLU A 27 3.07 13.67 -12.38
N LEU A 28 3.60 13.23 -11.25
CA LEU A 28 3.04 13.55 -9.94
C LEU A 28 3.22 15.03 -9.62
N LEU A 29 4.46 15.51 -9.76
CA LEU A 29 4.79 16.90 -9.50
C LEU A 29 3.94 17.83 -10.36
N GLU A 30 3.80 17.50 -11.64
CA GLU A 30 3.03 18.34 -12.55
C GLU A 30 1.57 18.42 -12.17
N SER A 31 1.08 17.42 -11.43
CA SER A 31 -0.31 17.40 -11.01
C SER A 31 -0.52 18.29 -9.79
N TYR A 32 0.56 18.66 -9.13
CA TYR A 32 0.44 19.49 -7.92
C TYR A 32 0.41 20.98 -8.23
N ILE B 1 -2.38 -4.53 -10.08
CA ILE B 1 -2.51 -3.21 -10.78
C ILE B 1 -2.95 -3.42 -12.23
N VAL B 2 -3.98 -2.67 -12.64
CA VAL B 2 -4.49 -2.76 -14.00
C VAL B 2 -4.05 -1.52 -14.78
N GLU B 3 -3.42 -1.73 -15.92
CA GLU B 3 -2.96 -0.63 -16.76
C GLU B 3 -1.78 0.13 -16.20
N GLY B 4 -0.94 -0.55 -15.43
CA GLY B 4 0.24 0.09 -14.88
C GLY B 4 1.44 -0.35 -15.69
N SER B 5 2.61 -0.37 -15.07
CA SER B 5 3.80 -0.80 -15.77
C SER B 5 4.76 -1.36 -14.73
N ASP B 6 5.81 -2.03 -15.19
CA ASP B 6 6.78 -2.60 -14.28
C ASP B 6 7.42 -1.50 -13.46
N ALA B 7 7.64 -1.78 -12.17
CA ALA B 7 8.29 -0.81 -11.30
C ALA B 7 9.79 -0.82 -11.61
N GLU B 8 10.49 0.28 -11.34
CA GLU B 8 11.93 0.29 -11.55
C GLU B 8 12.50 -0.32 -10.27
N ILE B 9 13.71 -0.86 -10.33
CA ILE B 9 14.32 -1.46 -9.17
C ILE B 9 14.54 -0.41 -8.08
N GLY B 10 14.06 -0.70 -6.87
CA GLY B 10 14.22 0.23 -5.76
C GLY B 10 13.27 1.42 -5.84
N MET B 11 12.35 1.37 -6.79
CA MET B 11 11.39 2.45 -6.98
C MET B 11 10.44 2.58 -5.81
N SER B 12 10.17 1.47 -5.13
CA SER B 12 9.25 1.47 -4.01
C SER B 12 9.88 0.65 -2.89
N PRO B 13 10.99 1.14 -2.33
CA PRO B 13 11.69 0.44 -1.25
C PRO B 13 10.88 0.08 -0.01
N TRP B 14 9.68 0.65 0.12
CA TRP B 14 8.84 0.37 1.29
C TRP B 14 7.73 -0.66 1.04
N GLN B 15 7.65 -1.16 -0.19
CA GLN B 15 6.63 -2.14 -0.55
C GLN B 15 6.88 -3.42 0.20
N VAL B 16 5.82 -3.92 0.80
CA VAL B 16 5.89 -5.15 1.58
C VAL B 16 4.88 -6.13 1.03
N MET B 17 5.26 -7.40 0.96
CA MET B 17 4.35 -8.43 0.47
C MET B 17 3.87 -9.27 1.64
N LEU B 18 2.55 -9.41 1.74
CA LEU B 18 1.94 -10.22 2.79
C LEU B 18 1.87 -11.60 2.17
N PHE B 19 2.59 -12.54 2.75
CA PHE B 19 2.64 -13.88 2.19
C PHE B 19 2.04 -14.93 3.12
N ARG B 20 1.17 -15.77 2.55
CA ARG B 20 0.54 -16.83 3.32
C ARG B 20 1.44 -18.06 3.27
N LYS B 21 1.71 -18.63 4.45
CA LYS B 21 2.58 -19.80 4.54
C LYS B 21 1.98 -21.05 3.93
N SER B 22 0.76 -21.41 4.32
CA SER B 22 0.10 -22.61 3.81
C SER B 22 -1.33 -22.35 3.34
N PRO B 23 -1.55 -22.38 2.02
CA PRO B 23 -0.54 -22.62 0.99
C PRO B 23 0.22 -21.33 0.68
N GLN B 24 1.48 -21.47 0.28
CA GLN B 24 2.30 -20.30 -0.04
C GLN B 24 1.62 -19.51 -1.15
N GLU B 25 1.17 -18.31 -0.81
CA GLU B 25 0.50 -17.45 -1.77
C GLU B 25 0.49 -15.98 -1.37
N LEU B 26 0.30 -15.12 -2.37
CA LEU B 26 0.25 -13.67 -2.15
C LEU B 26 -1.01 -13.42 -1.37
N LEU B 27 -0.89 -12.75 -0.24
CA LEU B 27 -2.06 -12.48 0.59
C LEU B 27 -2.53 -11.05 0.42
N CYS B 28 -1.59 -10.11 0.35
CA CYS B 28 -1.93 -8.70 0.24
C CYS B 28 -0.69 -7.86 0.07
N GLY B 29 -0.91 -6.56 -0.12
CA GLY B 29 0.18 -5.61 -0.23
C GLY B 29 0.27 -4.98 1.16
N ALA B 30 1.32 -4.20 1.40
CA ALA B 30 1.53 -3.53 2.68
C ALA B 30 2.71 -2.55 2.54
N SER B 31 3.07 -1.88 3.64
CA SER B 31 4.16 -0.92 3.60
C SER B 31 5.03 -0.92 4.85
N LEU B 32 6.30 -0.61 4.66
CA LEU B 32 7.25 -0.56 5.76
C LEU B 32 7.29 0.90 6.22
N ILE B 33 7.04 1.15 7.50
CA ILE B 33 7.05 2.51 8.03
C ILE B 33 8.13 2.74 9.09
N SER B 34 8.85 1.67 9.45
CA SER B 34 9.96 1.75 10.42
C SER B 34 10.63 0.37 10.37
N ASP B 35 11.70 0.16 11.13
CA ASP B 35 12.35 -1.14 11.09
C ASP B 35 11.57 -2.27 11.72
N ARG B 36 10.45 -1.96 12.38
CA ARG B 36 9.68 -3.02 13.00
C ARG B 36 8.17 -2.96 12.79
N TRP B 37 7.69 -1.93 12.07
CA TRP B 37 6.26 -1.80 11.84
C TRP B 37 5.87 -1.78 10.36
N VAL B 38 4.90 -2.62 10.02
CA VAL B 38 4.39 -2.72 8.66
C VAL B 38 2.92 -2.30 8.67
N LEU B 39 2.55 -1.43 7.74
CA LEU B 39 1.19 -0.94 7.64
C LEU B 39 0.45 -1.64 6.51
N THR B 40 -0.82 -1.97 6.74
CA THR B 40 -1.63 -2.64 5.74
C THR B 40 -3.13 -2.43 6.01
N ALA B 41 -3.98 -3.00 5.16
CA ALA B 41 -5.43 -2.89 5.32
C ALA B 41 -5.94 -3.91 6.34
N ALA B 42 -6.88 -3.49 7.18
CA ALA B 42 -7.45 -4.39 8.19
C ALA B 42 -8.10 -5.62 7.55
N HIS B 43 -8.78 -5.44 6.41
CA HIS B 43 -9.46 -6.57 5.78
C HIS B 43 -8.51 -7.64 5.25
N CYS B 44 -7.23 -7.29 5.10
CA CYS B 44 -6.23 -8.24 4.64
C CYS B 44 -6.05 -9.33 5.70
N LEU B 45 -6.36 -8.98 6.94
CA LEU B 45 -6.24 -9.92 8.05
C LEU B 45 -7.61 -10.38 8.53
N LEU B 46 -8.54 -9.45 8.66
CA LEU B 46 -9.87 -9.77 9.14
C LEU B 46 -10.99 -9.35 8.22
N TYR B 47 -11.77 -10.32 7.79
CA TYR B 47 -12.91 -10.07 6.93
C TYR B 47 -13.81 -11.31 6.85
N PRO B 48 -14.72 -11.46 7.83
CA PRO B 48 -15.67 -12.58 7.94
C PRO B 48 -16.42 -12.93 6.66
N PRO B 49 -16.93 -11.93 5.94
CA PRO B 49 -17.65 -12.23 4.71
C PRO B 49 -16.92 -13.24 3.81
N TRP B 50 -15.61 -13.13 3.74
CA TRP B 50 -14.83 -14.05 2.92
C TRP B 50 -14.09 -15.10 3.75
N ASP B 51 -14.58 -15.32 4.97
CA ASP B 51 -13.96 -16.30 5.86
C ASP B 51 -12.48 -16.04 6.05
N LYS B 52 -12.14 -14.81 6.43
CA LYS B 52 -10.75 -14.44 6.63
C LYS B 52 -10.50 -13.90 8.04
N ASN B 53 -9.61 -14.56 8.78
CA ASN B 53 -9.26 -14.16 10.13
C ASN B 53 -7.90 -14.73 10.53
N PHE B 54 -6.84 -14.28 9.85
CA PHE B 54 -5.47 -14.74 10.10
C PHE B 54 -4.90 -14.33 11.46
N THR B 55 -3.95 -15.14 11.94
CA THR B 55 -3.28 -14.87 13.21
C THR B 55 -1.79 -14.74 12.87
N GLU B 56 -1.02 -14.18 13.80
CA GLU B 56 0.41 -14.00 13.60
C GLU B 56 1.11 -15.15 12.86
N ASN B 57 1.02 -16.35 13.41
CA ASN B 57 1.70 -17.50 12.82
C ASN B 57 1.29 -17.95 11.43
N ASP B 58 0.18 -17.46 10.91
CA ASP B 58 -0.23 -17.87 9.58
C ASP B 58 0.43 -16.98 8.52
N LEU B 59 0.92 -15.83 8.96
CA LEU B 59 1.52 -14.86 8.06
C LEU B 59 3.02 -14.72 8.08
N LEU B 60 3.53 -14.17 6.99
CA LEU B 60 4.95 -13.91 6.81
C LEU B 60 5.03 -12.60 6.02
N VAL B 61 6.02 -11.78 6.33
CA VAL B 61 6.21 -10.50 5.65
C VAL B 61 7.47 -10.54 4.77
N ARG B 62 7.30 -10.24 3.49
CA ARG B 62 8.43 -10.21 2.56
C ARG B 62 8.70 -8.77 2.13
N ILE B 63 9.88 -8.28 2.47
CA ILE B 63 10.29 -6.92 2.17
C ILE B 63 11.48 -6.85 1.21
N GLY B 64 11.50 -5.80 0.38
CA GLY B 64 12.58 -5.60 -0.57
C GLY B 64 12.44 -6.37 -1.87
N LYS B 65 11.23 -6.84 -2.17
CA LYS B 65 11.01 -7.62 -3.39
C LYS B 65 10.73 -6.80 -4.63
N HIS B 66 10.96 -7.44 -5.77
CA HIS B 66 10.71 -6.85 -7.09
C HIS B 66 9.91 -7.89 -7.82
N SER B 67 10.47 -9.10 -7.85
CA SER B 67 9.82 -10.23 -8.50
C SER B 67 8.68 -10.72 -7.60
N ARG B 68 7.61 -11.21 -8.23
CA ARG B 68 6.46 -11.69 -7.47
C ARG B 68 6.63 -13.11 -6.93
N THR B 69 6.86 -14.06 -7.83
CA THR B 69 6.98 -15.47 -7.47
C THR B 69 8.36 -15.95 -7.03
N ARG B 70 9.41 -15.34 -7.54
CA ARG B 70 10.76 -15.77 -7.20
C ARG B 70 11.29 -15.34 -5.83
N TYR B 71 12.08 -16.20 -5.21
CA TYR B 71 12.70 -15.90 -3.92
C TYR B 71 13.97 -15.13 -4.24
N GLU B 72 13.92 -13.82 -4.01
CA GLU B 72 15.05 -12.96 -4.32
C GLU B 72 16.17 -12.97 -3.28
N ARG B 73 17.03 -13.98 -3.43
CA ARG B 73 18.19 -14.24 -2.57
C ARG B 73 19.14 -13.05 -2.53
N ASN B 74 19.58 -12.72 -1.32
CA ASN B 74 20.51 -11.60 -1.08
C ASN B 74 19.87 -10.23 -1.30
N ILE B 75 18.56 -10.20 -1.52
CA ILE B 75 17.86 -8.94 -1.75
C ILE B 75 16.68 -8.75 -0.80
N GLU B 76 15.70 -9.65 -0.89
CA GLU B 76 14.55 -9.54 -0.01
C GLU B 76 14.85 -10.08 1.37
N LYS B 77 14.03 -9.68 2.35
CA LYS B 77 14.18 -10.15 3.71
C LYS B 77 12.80 -10.56 4.22
N ILE B 78 12.70 -11.81 4.67
CA ILE B 78 11.46 -12.37 5.19
C ILE B 78 11.37 -12.22 6.70
N SER B 79 10.31 -11.59 7.18
CA SER B 79 10.13 -11.38 8.62
C SER B 79 8.90 -12.09 9.17
N MET B 80 8.98 -12.48 10.43
CA MET B 80 7.87 -13.15 11.11
C MET B 80 7.13 -12.11 11.92
N LEU B 81 5.83 -12.31 12.10
CA LEU B 81 5.01 -11.37 12.84
C LEU B 81 4.96 -11.63 14.34
N GLU B 82 5.12 -10.56 15.12
CA GLU B 82 5.08 -10.68 16.57
C GLU B 82 3.67 -10.42 17.06
N LYS B 83 3.04 -9.39 16.51
CA LYS B 83 1.68 -9.06 16.91
C LYS B 83 0.97 -8.22 15.85
N ILE B 84 -0.30 -8.54 15.64
CA ILE B 84 -1.12 -7.82 14.69
C ILE B 84 -2.05 -6.89 15.46
N TYR B 85 -2.24 -5.69 14.92
CA TYR B 85 -3.14 -4.73 15.55
C TYR B 85 -4.11 -4.22 14.53
N ILE B 86 -5.40 -4.38 14.84
CA ILE B 86 -6.46 -3.94 13.95
C ILE B 86 -7.21 -2.81 14.65
N HIS B 87 -7.55 -1.78 13.91
CA HIS B 87 -8.26 -0.65 14.48
C HIS B 87 -9.53 -1.13 15.21
N PRO B 88 -9.75 -0.65 16.43
CA PRO B 88 -10.92 -1.03 17.23
C PRO B 88 -12.26 -0.69 16.61
N ARG B 89 -12.30 0.33 15.76
CA ARG B 89 -13.56 0.71 15.14
C ARG B 89 -13.63 0.38 13.65
N TYR B 90 -12.86 -0.63 13.25
CA TYR B 90 -12.81 -1.10 11.86
C TYR B 90 -14.18 -1.72 11.51
N ASN B 91 -14.89 -1.10 10.57
CA ASN B 91 -16.21 -1.58 10.18
C ASN B 91 -16.20 -2.53 8.99
N TRP B 92 -16.00 -3.81 9.25
CA TRP B 92 -15.98 -4.80 8.20
C TRP B 92 -17.40 -5.25 7.89
N ARG B 93 -18.33 -4.91 8.76
CA ARG B 93 -19.73 -5.28 8.56
C ARG B 93 -20.39 -4.47 7.46
N GLU B 94 -20.17 -3.15 7.47
CA GLU B 94 -20.81 -2.31 6.46
C GLU B 94 -19.99 -1.83 5.28
N ASN B 95 -19.06 -0.91 5.54
CA ASN B 95 -18.28 -0.30 4.46
C ASN B 95 -16.76 -0.28 4.61
N LEU B 96 -16.23 -1.17 5.43
CA LEU B 96 -14.79 -1.23 5.64
C LEU B 96 -14.24 0.07 6.20
N ASP B 97 -15.09 0.84 6.87
CA ASP B 97 -14.64 2.11 7.45
C ASP B 97 -13.45 1.82 8.36
N ARG B 98 -12.43 2.66 8.28
CA ARG B 98 -11.21 2.51 9.07
C ARG B 98 -10.50 1.21 8.72
N ASP B 99 -10.33 0.96 7.42
CA ASP B 99 -9.68 -0.24 6.92
C ASP B 99 -8.14 -0.09 7.07
N ILE B 100 -7.65 -0.27 8.29
CA ILE B 100 -6.23 -0.13 8.58
C ILE B 100 -5.77 -1.08 9.68
N ALA B 101 -4.51 -1.50 9.59
CA ALA B 101 -3.94 -2.40 10.59
C ALA B 101 -2.42 -2.32 10.63
N LEU B 102 -1.87 -2.62 11.80
CA LEU B 102 -0.43 -2.62 12.01
C LEU B 102 0.08 -4.01 12.35
N MET B 103 1.30 -4.30 11.90
CA MET B 103 1.93 -5.59 12.16
C MET B 103 3.33 -5.32 12.71
N LYS B 104 3.61 -5.82 13.91
CA LYS B 104 4.92 -5.64 14.51
C LYS B 104 5.78 -6.85 14.16
N LEU B 105 6.91 -6.61 13.51
CA LEU B 105 7.81 -7.67 13.13
C LEU B 105 8.57 -8.15 14.36
N LYS B 106 8.90 -9.44 14.40
CA LYS B 106 9.62 -9.97 15.55
C LYS B 106 11.00 -9.35 15.73
N LYS B 107 11.74 -9.19 14.64
CA LYS B 107 13.07 -8.58 14.72
C LYS B 107 13.09 -7.43 13.72
N PRO B 108 13.84 -6.37 14.02
CA PRO B 108 13.89 -5.27 13.07
C PRO B 108 14.51 -5.75 11.77
N VAL B 109 14.07 -5.19 10.65
CA VAL B 109 14.62 -5.58 9.36
C VAL B 109 15.73 -4.58 9.00
N ALA B 110 16.77 -5.07 8.33
CA ALA B 110 17.89 -4.22 7.94
C ALA B 110 17.58 -3.44 6.67
N PHE B 111 17.71 -2.11 6.74
CA PHE B 111 17.46 -1.29 5.56
C PHE B 111 18.55 -1.53 4.53
N SER B 112 18.25 -1.22 3.28
CA SER B 112 19.20 -1.42 2.20
C SER B 112 18.76 -0.58 1.01
N ASP B 113 19.39 -0.80 -0.14
CA ASP B 113 19.00 -0.08 -1.35
C ASP B 113 17.57 -0.44 -1.79
N TYR B 114 17.11 -1.62 -1.37
CA TYR B 114 15.79 -2.12 -1.76
C TYR B 114 14.75 -2.11 -0.64
N ILE B 115 15.20 -1.79 0.56
CA ILE B 115 14.36 -1.76 1.76
C ILE B 115 14.55 -0.42 2.48
N HIS B 116 13.48 0.37 2.55
CA HIS B 116 13.55 1.68 3.18
C HIS B 116 12.13 2.16 3.51
N PRO B 117 11.90 2.63 4.74
CA PRO B 117 10.59 3.12 5.19
C PRO B 117 10.03 4.34 4.47
N VAL B 118 8.70 4.42 4.42
CA VAL B 118 8.02 5.55 3.80
C VAL B 118 7.55 6.43 4.97
N CYS B 119 7.29 7.71 4.70
CA CYS B 119 6.84 8.63 5.75
C CYS B 119 5.32 8.60 5.92
N LEU B 120 4.85 8.87 7.14
CA LEU B 120 3.42 8.97 7.40
C LEU B 120 3.20 10.47 7.41
N PRO B 121 2.17 10.96 6.71
CA PRO B 121 1.91 12.39 6.66
C PRO B 121 1.50 13.05 7.97
N ASP B 122 1.70 14.37 8.01
CA ASP B 122 1.32 15.18 9.14
C ASP B 122 0.12 15.97 8.62
N ARG B 123 -0.60 16.64 9.50
CA ARG B 123 -1.78 17.38 9.09
C ARG B 123 -1.54 18.33 7.91
N GLU B 124 -0.44 19.07 7.96
CA GLU B 124 -0.11 20.03 6.91
C GLU B 124 0.13 19.36 5.56
N THR B 125 0.97 18.33 5.55
CA THR B 125 1.27 17.62 4.30
C THR B 125 -0.04 17.04 3.72
N ALA B 126 -0.85 16.43 4.57
CA ALA B 126 -2.11 15.87 4.12
C ALA B 126 -2.98 16.99 3.55
N ALA B 127 -3.12 18.05 4.34
CA ALA B 127 -3.93 19.20 3.93
C ALA B 127 -3.58 19.75 2.56
N SER B 128 -2.29 19.94 2.30
CA SER B 128 -1.89 20.50 1.01
C SER B 128 -1.78 19.54 -0.15
N LEU B 129 -1.69 18.24 0.12
CA LEU B 129 -1.55 17.28 -0.97
C LEU B 129 -2.78 16.46 -1.33
N LEU B 130 -3.64 16.21 -0.35
CA LEU B 130 -4.83 15.40 -0.60
C LEU B 130 -5.93 16.25 -1.24
N GLN B 131 -5.76 16.57 -2.51
CA GLN B 131 -6.72 17.36 -3.25
C GLN B 131 -7.10 16.71 -4.58
N ALA B 132 -8.33 16.97 -5.03
CA ALA B 132 -8.80 16.41 -6.29
C ALA B 132 -7.87 16.85 -7.41
N GLY B 133 -7.47 15.90 -8.25
CA GLY B 133 -6.57 16.22 -9.35
C GLY B 133 -5.13 15.87 -9.04
N TYR B 134 -4.73 16.03 -7.79
CA TYR B 134 -3.37 15.70 -7.38
C TYR B 134 -3.16 14.19 -7.52
N LYS B 135 -2.08 13.80 -8.18
CA LYS B 135 -1.86 12.37 -8.40
C LYS B 135 -1.04 11.66 -7.34
N GLY B 136 -1.41 10.41 -7.10
CA GLY B 136 -0.70 9.57 -6.15
C GLY B 136 -0.19 8.38 -6.92
N ARG B 137 0.60 7.54 -6.27
CA ARG B 137 1.16 6.36 -6.90
C ARG B 137 0.75 5.10 -6.14
N VAL B 138 0.27 4.10 -6.87
CA VAL B 138 -0.15 2.84 -6.25
C VAL B 138 0.68 1.69 -6.83
N THR B 139 1.16 0.81 -5.96
CA THR B 139 1.98 -0.31 -6.40
C THR B 139 1.54 -1.65 -5.84
N GLY B 140 1.86 -2.72 -6.57
CA GLY B 140 1.48 -4.05 -6.11
C GLY B 140 1.70 -5.15 -7.13
N TRP B 141 1.63 -6.39 -6.66
CA TRP B 141 1.79 -7.58 -7.49
C TRP B 141 0.42 -8.18 -7.76
N GLY B 142 -0.61 -7.38 -7.51
CA GLY B 142 -1.98 -7.82 -7.71
C GLY B 142 -2.28 -8.12 -9.16
N ASN B 143 -3.53 -8.48 -9.43
CA ASN B 143 -3.95 -8.81 -10.79
C ASN B 143 -3.87 -7.67 -11.80
N LEU B 144 -3.62 -8.04 -13.06
CA LEU B 144 -3.50 -7.08 -14.14
C LEU B 144 -4.85 -6.83 -14.82
N LYS B 145 -5.79 -7.74 -14.63
CA LYS B 145 -7.11 -7.62 -15.22
C LYS B 145 -8.14 -8.00 -14.17
N GLU B 146 -9.36 -7.51 -14.31
CA GLU B 146 -10.40 -7.85 -13.33
C GLU B 146 -10.59 -9.36 -13.40
N THR B 147 -10.30 -9.92 -14.58
CA THR B 147 -10.39 -11.36 -14.80
C THR B 147 -10.02 -11.69 -16.25
N GLY B 155 -2.68 -12.14 -16.48
CA GLY B 155 -3.45 -11.66 -15.35
C GLY B 155 -2.62 -11.54 -14.08
N GLN B 156 -1.55 -12.33 -14.02
CA GLN B 156 -0.64 -12.33 -12.88
C GLN B 156 0.68 -11.72 -13.36
N PRO B 157 1.19 -10.70 -12.63
CA PRO B 157 2.44 -10.06 -13.02
C PRO B 157 3.70 -10.77 -12.54
N SER B 158 4.78 -10.57 -13.28
CA SER B 158 6.06 -11.16 -12.95
C SER B 158 6.82 -10.20 -12.05
N VAL B 159 6.60 -8.91 -12.29
CA VAL B 159 7.29 -7.87 -11.54
C VAL B 159 6.34 -6.87 -10.89
N LEU B 160 6.75 -6.34 -9.74
CA LEU B 160 5.95 -5.35 -9.04
C LEU B 160 5.43 -4.30 -10.04
N GLN B 161 4.14 -4.02 -9.99
CA GLN B 161 3.54 -3.05 -10.90
C GLN B 161 3.30 -1.69 -10.23
N VAL B 162 3.21 -0.67 -11.06
CA VAL B 162 3.03 0.70 -10.56
C VAL B 162 2.18 1.58 -11.50
N VAL B 163 1.37 2.44 -10.91
CA VAL B 163 0.54 3.34 -11.70
C VAL B 163 0.25 4.60 -10.91
N ASN B 164 0.22 5.74 -11.61
CA ASN B 164 -0.07 7.02 -10.98
C ASN B 164 -1.54 7.31 -11.22
N LEU B 165 -2.26 7.72 -10.17
CA LEU B 165 -3.68 7.98 -10.32
C LEU B 165 -4.14 9.27 -9.64
N PRO B 166 -5.06 9.99 -10.28
CA PRO B 166 -5.56 11.24 -9.71
C PRO B 166 -6.60 11.05 -8.63
N ILE B 167 -6.50 11.87 -7.59
CA ILE B 167 -7.46 11.85 -6.49
C ILE B 167 -8.72 12.49 -7.08
N VAL B 168 -9.88 11.93 -6.73
CA VAL B 168 -11.16 12.41 -7.25
C VAL B 168 -11.98 13.19 -6.23
N GLU B 169 -12.76 14.15 -6.72
CA GLU B 169 -13.61 14.98 -5.86
C GLU B 169 -14.53 14.08 -5.05
N ARG B 170 -14.69 14.36 -3.76
CA ARG B 170 -15.54 13.52 -2.91
C ARG B 170 -16.94 13.26 -3.48
N PRO B 171 -17.60 14.29 -4.04
CA PRO B 171 -18.94 14.12 -4.61
C PRO B 171 -18.96 13.02 -5.66
N VAL B 172 -17.98 13.09 -6.56
CA VAL B 172 -17.86 12.11 -7.63
C VAL B 172 -17.69 10.71 -7.06
N CYS B 173 -16.84 10.58 -6.04
CA CYS B 173 -16.60 9.27 -5.42
C CYS B 173 -17.93 8.70 -4.93
N LYS B 174 -18.65 9.50 -4.14
CA LYS B 174 -19.94 9.07 -3.59
C LYS B 174 -20.97 8.73 -4.69
N ASP B 175 -21.08 9.57 -5.71
CA ASP B 175 -22.03 9.33 -6.79
C ASP B 175 -21.69 8.14 -7.66
N SER B 176 -20.56 7.50 -7.40
CA SER B 176 -20.16 6.36 -8.22
C SER B 176 -20.52 5.00 -7.61
N THR B 177 -20.99 5.01 -6.36
CA THR B 177 -21.30 3.75 -5.68
C THR B 177 -22.52 3.84 -4.77
N ARG B 178 -23.04 2.70 -4.33
CA ARG B 178 -24.18 2.71 -3.42
C ARG B 178 -23.68 2.55 -2.00
N ILE B 179 -22.38 2.25 -1.88
CA ILE B 179 -21.74 2.08 -0.58
C ILE B 179 -21.60 3.43 0.12
N ARG B 180 -21.81 3.42 1.45
CA ARG B 180 -21.70 4.63 2.26
C ARG B 180 -20.22 5.03 2.45
N ILE B 181 -19.82 6.14 1.84
CA ILE B 181 -18.44 6.62 1.93
C ILE B 181 -18.22 7.47 3.19
N THR B 182 -17.05 7.34 3.83
CA THR B 182 -16.77 8.14 5.02
C THR B 182 -15.53 9.01 4.84
N ASP B 183 -15.33 9.94 5.77
CA ASP B 183 -14.18 10.84 5.71
C ASP B 183 -12.88 10.05 5.87
N ASN B 184 -12.96 8.83 6.38
CA ASN B 184 -11.76 7.99 6.54
C ASN B 184 -11.44 7.28 5.22
N MET B 185 -12.07 7.74 4.14
CA MET B 185 -11.84 7.16 2.83
C MET B 185 -11.73 8.26 1.78
N PHE B 186 -11.01 7.96 0.71
CA PHE B 186 -10.92 8.87 -0.42
C PHE B 186 -10.80 7.93 -1.61
N CYS B 187 -11.16 8.42 -2.80
CA CYS B 187 -11.08 7.57 -3.96
C CYS B 187 -10.17 8.21 -5.01
N ALA B 188 -9.57 7.37 -5.85
CA ALA B 188 -8.67 7.85 -6.89
C ALA B 188 -8.87 7.07 -8.19
N GLY B 189 -8.59 7.73 -9.31
CA GLY B 189 -8.75 7.10 -10.60
C GLY B 189 -9.14 8.07 -11.70
N TYR B 190 -9.03 7.63 -12.94
CA TYR B 190 -9.39 8.49 -14.05
C TYR B 190 -10.87 8.39 -14.39
N LYS B 191 -11.47 9.53 -14.68
CA LYS B 191 -12.88 9.55 -15.05
C LYS B 191 -13.00 8.91 -16.44
N PRO B 192 -14.20 8.47 -16.81
CA PRO B 192 -14.41 7.83 -18.12
C PRO B 192 -13.95 8.62 -19.34
N ASP B 193 -14.14 9.93 -19.30
CA ASP B 193 -13.78 10.78 -20.43
C ASP B 193 -12.33 11.23 -20.47
N GLU B 194 -11.63 11.12 -19.33
CA GLU B 194 -10.25 11.54 -19.26
C GLU B 194 -9.31 10.77 -20.19
N GLY B 195 -9.80 9.66 -20.75
CA GLY B 195 -8.97 8.89 -21.66
C GLY B 195 -8.04 7.89 -21.01
N LYS B 196 -7.21 8.36 -20.07
CA LYS B 196 -6.30 7.46 -19.39
C LYS B 196 -7.07 6.60 -18.41
N ARG B 197 -6.45 5.53 -17.95
CA ARG B 197 -7.10 4.64 -17.00
C ARG B 197 -6.07 3.95 -16.10
N GLY B 198 -6.52 2.96 -15.33
CA GLY B 198 -5.62 2.27 -14.42
C GLY B 198 -6.25 2.19 -13.04
N ASP B 199 -5.91 1.16 -12.28
CA ASP B 199 -6.52 1.00 -10.97
C ASP B 199 -5.83 -0.15 -10.25
N ALA B 200 -6.08 -0.24 -8.95
CA ALA B 200 -5.54 -1.33 -8.15
C ALA B 200 -6.46 -2.49 -8.48
N CYS B 201 -6.16 -3.67 -7.95
CA CYS B 201 -7.00 -4.84 -8.20
C CYS B 201 -6.67 -5.91 -7.16
N GLU B 202 -7.43 -7.01 -7.19
CA GLU B 202 -7.23 -8.12 -6.27
C GLU B 202 -5.74 -8.44 -6.14
N GLY B 203 -5.25 -8.48 -4.90
CA GLY B 203 -3.84 -8.74 -4.68
C GLY B 203 -3.05 -7.49 -4.32
N ASP B 204 -3.57 -6.31 -4.69
CA ASP B 204 -2.92 -5.04 -4.38
C ASP B 204 -3.39 -4.51 -3.03
N SER B 205 -4.57 -4.97 -2.63
CA SER B 205 -5.21 -4.62 -1.37
C SER B 205 -4.22 -4.60 -0.21
N GLY B 206 -4.33 -3.59 0.65
CA GLY B 206 -3.40 -3.45 1.77
C GLY B 206 -2.16 -2.67 1.36
N GLY B 207 -1.99 -2.48 0.05
CA GLY B 207 -0.84 -1.75 -0.47
C GLY B 207 -0.87 -0.26 -0.25
N PRO B 208 0.24 0.44 -0.55
CA PRO B 208 0.36 1.89 -0.38
C PRO B 208 0.00 2.82 -1.54
N PHE B 209 -0.61 3.94 -1.18
CA PHE B 209 -0.95 4.99 -2.13
C PHE B 209 0.00 6.07 -1.62
N VAL B 210 1.01 6.39 -2.42
CA VAL B 210 2.00 7.37 -1.99
C VAL B 210 2.02 8.62 -2.85
N MET B 211 2.53 9.71 -2.28
CA MET B 211 2.67 10.97 -2.98
C MET B 211 4.02 11.54 -2.62
N LYS B 212 4.65 12.23 -3.56
CA LYS B 212 5.96 12.84 -3.28
C LYS B 212 5.75 14.32 -3.00
N SER B 213 6.05 14.73 -1.78
CA SER B 213 5.88 16.12 -1.41
C SER B 213 6.79 17.01 -2.23
N PRO B 214 6.24 18.07 -2.83
CA PRO B 214 7.05 19.00 -3.64
C PRO B 214 7.74 20.01 -2.72
N PHE B 215 7.44 19.91 -1.44
CA PHE B 215 8.00 20.81 -0.44
C PHE B 215 9.32 20.35 0.12
N ASN B 216 9.43 19.05 0.40
CA ASN B 216 10.68 18.51 0.93
C ASN B 216 11.18 17.29 0.17
N ASN B 217 10.58 17.04 -0.99
CA ASN B 217 10.92 15.92 -1.86
C ASN B 217 10.93 14.55 -1.21
N ARG B 218 10.03 14.33 -0.26
CA ARG B 218 9.95 13.05 0.42
C ARG B 218 8.66 12.34 0.03
N TRP B 219 8.69 11.02 0.08
CA TRP B 219 7.51 10.25 -0.24
C TRP B 219 6.66 10.04 1.02
N TYR B 220 5.36 10.25 0.86
CA TYR B 220 4.40 10.09 1.94
C TYR B 220 3.27 9.14 1.55
N GLN B 221 2.90 8.24 2.46
CA GLN B 221 1.81 7.32 2.16
C GLN B 221 0.52 7.97 2.63
N MET B 222 -0.33 8.39 1.69
CA MET B 222 -1.58 9.05 2.03
C MET B 222 -2.73 8.06 2.18
N GLY B 223 -2.63 6.92 1.51
CA GLY B 223 -3.70 5.95 1.60
C GLY B 223 -3.29 4.50 1.55
N ILE B 224 -4.27 3.65 1.81
CA ILE B 224 -4.09 2.21 1.79
C ILE B 224 -5.17 1.66 0.88
N VAL B 225 -4.80 0.77 -0.04
CA VAL B 225 -5.76 0.17 -0.97
C VAL B 225 -6.79 -0.54 -0.09
N SER B 226 -8.03 -0.06 -0.12
CA SER B 226 -9.09 -0.61 0.72
C SER B 226 -10.11 -1.45 -0.01
N TRP B 227 -10.83 -0.84 -0.96
CA TRP B 227 -11.81 -1.59 -1.72
C TRP B 227 -12.16 -0.97 -3.07
N GLY B 228 -12.80 -1.78 -3.91
CA GLY B 228 -13.20 -1.31 -5.21
C GLY B 228 -14.17 -2.31 -5.83
N GLU B 229 -15.05 -1.81 -6.68
CA GLU B 229 -16.02 -2.64 -7.36
C GLU B 229 -15.43 -3.05 -8.70
N GLY B 230 -14.92 -4.27 -8.76
CA GLY B 230 -14.29 -4.74 -9.99
C GLY B 230 -12.91 -4.09 -10.05
N CYS B 231 -12.36 -3.96 -11.26
CA CYS B 231 -11.06 -3.34 -11.43
C CYS B 231 -11.05 -2.53 -12.72
N ASP B 232 -10.66 -1.28 -12.60
CA ASP B 232 -10.57 -0.37 -13.74
C ASP B 232 -11.85 -0.30 -14.59
N ARG B 233 -13.00 -0.28 -13.94
CA ARG B 233 -14.25 -0.17 -14.68
C ARG B 233 -14.59 1.30 -14.91
N ASP B 234 -15.15 1.61 -16.07
CA ASP B 234 -15.56 2.97 -16.39
C ASP B 234 -16.56 3.43 -15.32
N GLY B 235 -16.35 4.61 -14.77
CA GLY B 235 -17.27 5.10 -13.77
C GLY B 235 -17.00 4.62 -12.36
N LYS B 236 -16.10 3.66 -12.19
CA LYS B 236 -15.78 3.18 -10.85
C LYS B 236 -14.43 3.74 -10.44
N TYR B 237 -14.20 3.82 -9.14
CA TYR B 237 -12.94 4.32 -8.65
C TYR B 237 -12.46 3.46 -7.50
N GLY B 238 -11.15 3.42 -7.31
CA GLY B 238 -10.60 2.63 -6.21
C GLY B 238 -10.74 3.47 -4.97
N PHE B 239 -11.01 2.84 -3.84
CA PHE B 239 -11.15 3.58 -2.60
C PHE B 239 -9.97 3.23 -1.68
N TYR B 240 -9.52 4.21 -0.92
CA TYR B 240 -8.37 4.03 -0.04
C TYR B 240 -8.61 4.55 1.37
N THR B 241 -7.97 3.89 2.35
CA THR B 241 -8.06 4.33 3.73
C THR B 241 -7.27 5.65 3.87
N HIS B 242 -7.88 6.63 4.51
CA HIS B 242 -7.25 7.95 4.71
C HIS B 242 -6.25 7.84 5.88
N VAL B 243 -4.99 7.60 5.56
CA VAL B 243 -3.96 7.42 6.59
C VAL B 243 -3.87 8.50 7.67
N PHE B 244 -3.80 9.76 7.26
CA PHE B 244 -3.70 10.81 8.26
C PHE B 244 -4.87 10.85 9.24
N ARG B 245 -6.09 10.67 8.75
CA ARG B 245 -7.23 10.71 9.66
C ARG B 245 -7.22 9.62 10.71
N LEU B 246 -6.37 8.62 10.52
CA LEU B 246 -6.27 7.52 11.47
C LEU B 246 -4.89 7.47 12.13
N LYS B 247 -4.04 8.45 11.84
CA LYS B 247 -2.71 8.49 12.39
C LYS B 247 -2.72 8.47 13.92
N LYS B 248 -3.78 9.01 14.50
CA LYS B 248 -3.88 9.04 15.95
C LYS B 248 -3.76 7.62 16.47
N TRP B 249 -4.56 6.73 15.89
CA TRP B 249 -4.54 5.33 16.28
C TRP B 249 -3.15 4.75 16.09
N ILE B 250 -2.56 5.04 14.93
CA ILE B 250 -1.22 4.54 14.61
C ILE B 250 -0.24 4.93 15.72
N GLN B 251 -0.31 6.18 16.13
CA GLN B 251 0.56 6.73 17.19
C GLN B 251 0.39 5.94 18.48
N LYS B 252 -0.85 5.81 18.93
CA LYS B 252 -1.11 5.10 20.17
C LYS B 252 -0.50 3.72 20.15
N VAL B 253 -0.81 2.94 19.12
CA VAL B 253 -0.28 1.59 19.01
C VAL B 253 1.23 1.57 19.19
N ILE B 254 1.92 2.37 18.37
CA ILE B 254 3.37 2.46 18.40
C ILE B 254 3.92 3.07 19.69
N ASP B 255 3.29 4.14 20.17
CA ASP B 255 3.75 4.77 21.40
C ASP B 255 3.20 4.05 22.63
N GLN B 256 2.67 2.85 22.42
CA GLN B 256 2.11 2.04 23.50
C GLN B 256 2.81 0.69 23.59
N PHE B 257 2.61 -0.14 22.58
CA PHE B 257 3.25 -1.46 22.55
C PHE B 257 4.53 -1.36 21.73
N GLY B 258 4.68 -0.23 21.06
CA GLY B 258 5.84 -0.02 20.21
C GLY B 258 7.22 -0.07 20.85
N GLU B 259 8.09 -0.85 20.24
CA GLU B 259 9.47 -1.01 20.67
C GLU B 259 10.31 0.03 19.94
N ASP C 1 2.45 -20.67 -7.98
CA ASP C 1 3.72 -20.64 -8.76
C ASP C 1 4.81 -19.86 -8.04
N PHE C 2 4.75 -19.90 -6.71
CA PHE C 2 5.72 -19.19 -5.89
C PHE C 2 6.92 -20.06 -5.56
N GLU C 3 8.09 -19.63 -6.01
CA GLU C 3 9.31 -20.38 -5.74
C GLU C 3 9.41 -20.68 -4.26
N GLU C 4 9.99 -21.83 -3.95
CA GLU C 4 10.18 -22.26 -2.57
C GLU C 4 11.02 -21.24 -1.84
N ILE C 5 10.68 -20.98 -0.59
CA ILE C 5 11.43 -20.03 0.21
C ILE C 5 12.13 -20.83 1.30
N PRO C 6 13.31 -20.37 1.74
CA PRO C 6 14.06 -21.07 2.79
C PRO C 6 13.15 -21.48 3.93
N GLU C 7 13.08 -22.77 4.18
CA GLU C 7 12.24 -23.32 5.24
C GLU C 7 12.56 -22.78 6.63
N GLU C 8 13.71 -22.13 6.76
CA GLU C 8 14.11 -21.57 8.03
C GLU C 8 13.07 -20.57 8.53
N TYS C 9 12.45 -19.82 7.62
CA TYS C 9 11.44 -18.84 8.00
CB TYS C 9 11.19 -17.87 6.85
CG TYS C 9 12.45 -17.17 6.40
CD1 TYS C 9 13.13 -16.31 7.25
CD2 TYS C 9 12.99 -17.41 5.13
CE1 TYS C 9 14.32 -15.69 6.86
CE2 TYS C 9 14.17 -16.82 4.73
CZ TYS C 9 14.83 -15.96 5.60
OH TYS C 9 16.05 -15.36 5.19
S TYS C 9 15.92 -13.87 4.58
O1 TYS C 9 15.05 -13.89 3.44
O2 TYS C 9 15.38 -13.01 5.60
O3 TYS C 9 17.23 -13.41 4.21
C TYS C 9 10.14 -19.48 8.41
O TYS C 9 9.27 -18.84 9.00
N LEU C 10 10.00 -20.76 8.08
CA LEU C 10 8.80 -21.52 8.41
C LEU C 10 8.96 -22.13 9.81
N1 C02 D . -9.23 -0.40 -6.84
C2 C02 D . -9.65 -1.68 -6.98
N3 C02 D . -9.98 -2.14 -8.20
C4 C02 D . -9.78 -2.54 -5.81
C5 C02 D . -9.33 -2.10 -4.57
C6 C02 D . -9.45 -2.91 -3.44
C7 C02 D . -10.05 -4.17 -3.55
C8 C02 D . -10.51 -4.62 -4.79
C9 C02 D . -10.37 -3.80 -5.92
C10 C02 D . -10.21 -5.03 -2.32
C11 C02 D . -11.68 -5.23 -1.99
N12 C02 D . -12.69 -5.02 -2.84
C13 C02 D . -13.84 -5.29 -2.22
C14 C02 D . -13.53 -5.68 -0.92
N15 C02 D . -12.20 -5.63 -0.80
C16 C02 D . -11.42 -5.97 0.41
C17 C02 D . -14.57 -6.03 -0.04
C18 C02 D . -15.92 -5.98 -0.47
C19 C02 D . -16.21 -5.59 -1.76
C20 C02 D . -15.17 -5.25 -2.64
N21 C02 D . -17.50 -5.34 -2.18
S22 C02 D . -18.35 -3.82 -1.98
C23 C02 D . -18.03 -3.25 -0.37
C24 C02 D . -18.49 -3.99 0.72
C25 C02 D . -18.23 -3.56 2.02
C26 C02 D . -17.50 -2.39 2.23
C27 C02 D . -17.04 -1.65 1.14
C28 C02 D . -17.31 -2.09 -0.16
O29 C02 D . -17.89 -2.87 -2.95
O30 C02 D . -19.77 -3.96 -2.13
#